data_8WLB
#
_entry.id   8WLB
#
_cell.length_a   67.110
_cell.length_b   113.140
_cell.length_c   38.950
_cell.angle_alpha   90.00
_cell.angle_beta   90.00
_cell.angle_gamma   90.00
#
_symmetry.space_group_name_H-M   'P 21 21 2'
#
loop_
_entity.id
_entity.type
_entity.pdbx_description
1 polymer 'Allose ABC transporter'
2 non-polymer alpha-D-psicopyranose
3 water water
#
_entity_poly.entity_id   1
_entity_poly.type   'polypeptide(L)'
_entity_poly.pdbx_seq_one_letter_code
;MGSSHHHHHHSSGLVPRGSHMAAEYAVVLKTLSNPFWVDMKKGIEDEAKTLGVSVDIFASPSEGDFQSQLQLFEDLSNKK
YKGIAFAPLSSVNLVMPVARAWQKGLYLVNLDEKIDMDNLKKAGGNVEGFVTTDNVAVGAKGADFIINKLGAEGGEVAII
EGKAGNASGEARRNGATEAFKKANQIKLVASQPADWDRIKALDVATNVLQRNPNLKAFYCANDTMAMGVAQAVANAGKIG
KVLVVGTDGIPEARKMVEAGQMTATVAQNPADIGATGLKLMVDAAKTGKVIPLEKTPEFKLVDSILVTK
;
_entity_poly.pdbx_strand_id   A
#
# COMPACT_ATOMS: atom_id res chain seq x y z
N ALA A 22 -21.31 20.23 -0.97
CA ALA A 22 -19.99 19.73 -0.47
C ALA A 22 -20.18 18.98 0.86
N ALA A 23 -19.54 17.82 1.02
CA ALA A 23 -19.66 16.95 2.21
C ALA A 23 -18.86 17.56 3.38
N GLU A 24 -19.09 17.06 4.59
CA GLU A 24 -18.36 17.49 5.83
C GLU A 24 -16.87 17.13 5.72
N TYR A 25 -16.58 15.99 5.10
CA TYR A 25 -15.21 15.43 5.03
C TYR A 25 -14.84 15.09 3.59
N ALA A 26 -13.56 15.30 3.26
CA ALA A 26 -12.94 14.90 1.98
C ALA A 26 -11.99 13.73 2.22
N VAL A 27 -11.87 12.89 1.19
CA VAL A 27 -10.85 11.81 1.12
C VAL A 27 -10.10 11.96 -0.20
N VAL A 28 -8.80 11.76 -0.11
CA VAL A 28 -7.88 11.68 -1.27
C VAL A 28 -7.22 10.29 -1.25
N LEU A 29 -7.59 9.44 -2.20
CA LEU A 29 -6.97 8.11 -2.39
C LEU A 29 -5.92 8.22 -3.50
N LYS A 30 -5.02 7.24 -3.60
CA LYS A 30 -3.98 7.25 -4.65
C LYS A 30 -4.65 7.29 -6.03
N THR A 31 -5.34 6.21 -6.42
CA THR A 31 -5.91 6.06 -7.79
C THR A 31 -6.89 4.90 -7.76
N LEU A 32 -7.99 5.07 -8.50
CA LEU A 32 -9.05 4.04 -8.57
C LEU A 32 -8.74 3.05 -9.69
N SER A 33 -7.59 3.17 -10.37
CA SER A 33 -7.09 2.20 -11.37
C SER A 33 -6.59 0.94 -10.67
N ASN A 34 -6.41 1.03 -9.35
CA ASN A 34 -6.05 -0.12 -8.47
C ASN A 34 -7.23 -0.49 -7.59
N PRO A 35 -7.76 -1.74 -7.71
CA PRO A 35 -8.91 -2.19 -6.92
C PRO A 35 -8.76 -2.00 -5.41
N PHE A 36 -7.54 -2.05 -4.89
CA PHE A 36 -7.27 -1.75 -3.47
C PHE A 36 -7.99 -0.44 -3.09
N TRP A 37 -7.82 0.61 -3.89
CA TRP A 37 -8.35 1.95 -3.57
C TRP A 37 -9.87 1.97 -3.84
N VAL A 38 -10.35 1.21 -4.82
CA VAL A 38 -11.82 1.04 -5.06
C VAL A 38 -12.45 0.46 -3.80
N ASP A 39 -11.81 -0.53 -3.19
CA ASP A 39 -12.36 -1.21 -1.98
C ASP A 39 -12.24 -0.29 -0.77
N MET A 40 -11.21 0.53 -0.70
CA MET A 40 -11.10 1.50 0.42
C MET A 40 -12.21 2.56 0.30
N LYS A 41 -12.50 3.03 -0.91
CA LYS A 41 -13.58 4.02 -1.17
C LYS A 41 -14.90 3.49 -0.60
N LYS A 42 -15.24 2.24 -0.91
CA LYS A 42 -16.52 1.60 -0.54
C LYS A 42 -16.56 1.41 0.98
N GLY A 43 -15.44 1.00 1.60
CA GLY A 43 -15.31 0.90 3.06
C GLY A 43 -15.63 2.23 3.73
N ILE A 44 -15.10 3.32 3.17
CA ILE A 44 -15.28 4.70 3.73
C ILE A 44 -16.75 5.09 3.56
N GLU A 45 -17.34 4.86 2.39
CA GLU A 45 -18.75 5.23 2.11
C GLU A 45 -19.67 4.49 3.10
N ASP A 46 -19.37 3.23 3.39
CA ASP A 46 -20.21 2.39 4.28
C ASP A 46 -20.01 2.84 5.73
N GLU A 47 -18.80 3.24 6.10
CA GLU A 47 -18.51 3.72 7.48
C GLU A 47 -19.20 5.07 7.70
N ALA A 48 -19.30 5.92 6.67
CA ALA A 48 -19.97 7.24 6.78
C ALA A 48 -21.44 7.02 7.13
N LYS A 49 -22.07 6.00 6.55
CA LYS A 49 -23.50 5.68 6.80
C LYS A 49 -23.69 5.22 8.25
N THR A 50 -22.68 4.56 8.83
CA THR A 50 -22.69 4.07 10.25
C THR A 50 -22.53 5.24 11.22
N LEU A 51 -21.67 6.20 10.89
CA LEU A 51 -21.33 7.37 11.75
C LEU A 51 -22.37 8.48 11.53
N GLY A 52 -23.13 8.41 10.44
CA GLY A 52 -24.04 9.49 10.01
C GLY A 52 -23.31 10.76 9.60
N VAL A 53 -22.25 10.66 8.80
CA VAL A 53 -21.49 11.84 8.26
C VAL A 53 -21.44 11.75 6.74
N SER A 54 -21.15 12.88 6.07
CA SER A 54 -21.03 12.96 4.59
C SER A 54 -19.53 13.01 4.22
N VAL A 55 -19.15 12.29 3.16
CA VAL A 55 -17.75 12.30 2.62
C VAL A 55 -17.80 12.56 1.12
N ASP A 56 -16.84 13.34 0.63
CA ASP A 56 -16.51 13.47 -0.81
C ASP A 56 -15.17 12.78 -1.04
N ILE A 57 -15.15 11.80 -1.94
CA ILE A 57 -13.96 10.93 -2.17
C ILE A 57 -13.35 11.27 -3.53
N PHE A 58 -12.05 11.54 -3.54
CA PHE A 58 -11.26 11.87 -4.77
C PHE A 58 -10.05 10.93 -4.85
N ALA A 59 -9.52 10.77 -6.07
CA ALA A 59 -8.27 10.04 -6.36
C ALA A 59 -7.56 10.67 -7.56
N SER A 60 -6.30 10.33 -7.76
CA SER A 60 -5.52 10.72 -8.97
C SER A 60 -5.76 9.70 -10.06
N PRO A 61 -5.69 10.10 -11.35
CA PRO A 61 -5.95 9.16 -12.45
C PRO A 61 -4.95 7.99 -12.50
N SER A 62 -3.70 8.21 -12.11
CA SER A 62 -2.64 7.16 -12.17
C SER A 62 -1.62 7.31 -11.03
N GLU A 63 -0.74 6.32 -10.89
CA GLU A 63 0.22 6.14 -9.75
C GLU A 63 1.23 7.29 -9.72
N GLY A 64 1.50 7.91 -10.89
CA GLY A 64 2.64 8.82 -11.09
C GLY A 64 2.21 10.28 -11.01
N ASP A 65 0.94 10.55 -10.75
CA ASP A 65 0.36 11.92 -10.76
C ASP A 65 0.70 12.66 -9.45
N PHE A 66 1.98 12.70 -9.05
CA PHE A 66 2.44 13.38 -7.80
C PHE A 66 1.98 14.83 -7.77
N GLN A 67 2.28 15.55 -8.85
CA GLN A 67 2.02 17.00 -8.99
C GLN A 67 0.52 17.27 -8.94
N SER A 68 -0.27 16.53 -9.73
CA SER A 68 -1.75 16.68 -9.80
C SER A 68 -2.34 16.46 -8.41
N GLN A 69 -1.81 15.51 -7.66
CA GLN A 69 -2.40 15.13 -6.33
C GLN A 69 -2.18 16.28 -5.35
N LEU A 70 -1.01 16.91 -5.39
CA LEU A 70 -0.65 18.09 -4.55
C LEU A 70 -1.65 19.22 -4.83
N GLN A 71 -2.02 19.39 -6.10
CA GLN A 71 -2.90 20.50 -6.56
C GLN A 71 -4.34 20.15 -6.18
N LEU A 72 -4.70 18.87 -6.28
CA LEU A 72 -6.02 18.35 -5.84
C LEU A 72 -6.19 18.59 -4.33
N PHE A 73 -5.21 18.20 -3.51
CA PHE A 73 -5.28 18.35 -2.04
C PHE A 73 -5.45 19.83 -1.71
N GLU A 74 -4.62 20.69 -2.31
CA GLU A 74 -4.62 22.14 -1.98
C GLU A 74 -6.03 22.67 -2.21
N ASP A 75 -6.64 22.26 -3.32
CA ASP A 75 -7.94 22.80 -3.82
C ASP A 75 -9.04 22.31 -2.87
N LEU A 76 -8.96 21.05 -2.40
CA LEU A 76 -9.87 20.51 -1.35
C LEU A 76 -9.66 21.27 -0.04
N SER A 77 -8.40 21.53 0.34
CA SER A 77 -8.01 22.26 1.58
C SER A 77 -8.68 23.64 1.64
N ASN A 78 -9.05 24.20 0.48
CA ASN A 78 -9.52 25.60 0.35
C ASN A 78 -11.04 25.66 0.17
N LYS A 79 -11.72 24.50 0.17
CA LYS A 79 -13.20 24.42 0.27
C LYS A 79 -13.57 24.49 1.75
N LYS A 80 -14.66 23.84 2.18
CA LYS A 80 -15.24 24.03 3.53
C LYS A 80 -15.25 22.70 4.30
N TYR A 81 -14.36 21.76 3.98
CA TYR A 81 -14.29 20.43 4.66
C TYR A 81 -13.79 20.63 6.09
N LYS A 82 -14.38 19.90 7.05
CA LYS A 82 -13.92 19.88 8.47
C LYS A 82 -12.58 19.14 8.53
N GLY A 83 -12.38 18.19 7.61
CA GLY A 83 -11.30 17.21 7.70
C GLY A 83 -10.98 16.58 6.36
N ILE A 84 -9.72 16.14 6.20
CA ILE A 84 -9.30 15.38 5.00
C ILE A 84 -8.53 14.15 5.45
N ALA A 85 -8.91 12.99 4.92
CA ALA A 85 -8.14 11.74 5.05
C ALA A 85 -7.46 11.47 3.70
N PHE A 86 -6.17 11.18 3.71
CA PHE A 86 -5.35 11.25 2.48
C PHE A 86 -4.33 10.10 2.47
N ALA A 87 -4.27 9.43 1.30
CA ALA A 87 -3.20 8.50 0.92
C ALA A 87 -2.29 9.18 -0.08
N PRO A 88 -1.10 9.65 0.33
CA PRO A 88 -0.20 10.35 -0.59
C PRO A 88 0.45 9.36 -1.57
N LEU A 89 0.72 9.81 -2.79
CA LEU A 89 1.37 9.01 -3.86
C LEU A 89 2.86 8.82 -3.54
N SER A 90 3.45 9.70 -2.73
CA SER A 90 4.84 9.53 -2.24
C SER A 90 4.93 10.01 -0.79
N SER A 91 5.99 9.62 -0.10
CA SER A 91 6.21 10.08 1.29
C SER A 91 6.15 11.62 1.32
N VAL A 92 6.66 12.34 0.31
CA VAL A 92 6.93 13.80 0.43
C VAL A 92 5.88 14.65 -0.28
N ASN A 93 5.17 14.15 -1.31
CA ASN A 93 4.49 15.07 -2.27
C ASN A 93 3.42 15.92 -1.56
N LEU A 94 2.78 15.44 -0.49
CA LEU A 94 1.66 16.17 0.16
C LEU A 94 2.13 16.87 1.44
N VAL A 95 3.42 16.86 1.76
CA VAL A 95 3.90 17.44 3.05
C VAL A 95 3.39 18.88 3.18
N MET A 96 3.67 19.72 2.19
CA MET A 96 3.43 21.18 2.32
C MET A 96 1.92 21.47 2.44
N PRO A 97 1.03 20.94 1.56
CA PRO A 97 -0.40 21.20 1.68
C PRO A 97 -1.00 20.60 2.96
N VAL A 98 -0.45 19.48 3.44
CA VAL A 98 -0.96 18.83 4.68
C VAL A 98 -0.57 19.72 5.88
N ALA A 99 0.62 20.31 5.87
CA ALA A 99 1.04 21.30 6.87
C ALA A 99 0.05 22.47 6.87
N ARG A 100 -0.31 22.97 5.69
CA ARG A 100 -1.17 24.18 5.54
C ARG A 100 -2.57 23.86 6.08
N ALA A 101 -3.09 22.67 5.75
CA ALA A 101 -4.41 22.18 6.20
C ALA A 101 -4.42 22.09 7.74
N TRP A 102 -3.36 21.59 8.36
CA TRP A 102 -3.27 21.49 9.84
C TRP A 102 -3.32 22.90 10.44
N GLN A 103 -2.55 23.82 9.87
CA GLN A 103 -2.41 25.23 10.36
C GLN A 103 -3.77 25.92 10.28
N LYS A 104 -4.58 25.56 9.27
CA LYS A 104 -5.94 26.11 9.06
C LYS A 104 -6.95 25.39 9.97
N GLY A 105 -6.55 24.31 10.68
CA GLY A 105 -7.38 23.63 11.70
C GLY A 105 -8.28 22.55 11.12
N LEU A 106 -7.86 21.92 10.02
CA LEU A 106 -8.54 20.73 9.44
C LEU A 106 -8.10 19.45 10.18
N TYR A 107 -9.04 18.57 10.45
CA TYR A 107 -8.76 17.24 11.06
C TYR A 107 -8.23 16.32 9.97
N LEU A 108 -6.94 15.96 10.06
CA LEU A 108 -6.23 15.22 8.99
C LEU A 108 -5.98 13.78 9.45
N VAL A 109 -6.28 12.83 8.57
CA VAL A 109 -5.88 11.41 8.80
C VAL A 109 -5.08 10.92 7.61
N ASN A 110 -3.89 10.38 7.90
CA ASN A 110 -2.97 9.74 6.92
C ASN A 110 -3.42 8.31 6.71
N LEU A 111 -3.90 8.00 5.50
CA LEU A 111 -4.36 6.63 5.11
C LEU A 111 -3.20 5.89 4.46
N ASP A 112 -2.71 4.85 5.14
CA ASP A 112 -2.04 3.66 4.57
C ASP A 112 -0.58 3.96 4.21
N GLU A 113 -0.35 4.99 3.39
CA GLU A 113 1.00 5.31 2.83
C GLU A 113 1.60 6.45 3.63
N LYS A 114 2.58 6.14 4.47
CA LYS A 114 2.99 7.08 5.56
C LYS A 114 3.62 8.34 4.96
N ILE A 115 3.04 9.50 5.31
CA ILE A 115 3.63 10.83 4.98
C ILE A 115 4.95 10.99 5.75
N ASP A 116 5.95 11.61 5.13
CA ASP A 116 7.26 11.91 5.78
C ASP A 116 7.00 12.83 6.99
N MET A 117 7.02 12.29 8.20
CA MET A 117 6.58 13.02 9.41
C MET A 117 7.69 14.00 9.84
N ASP A 118 8.96 13.69 9.57
CA ASP A 118 10.11 14.59 9.84
C ASP A 118 9.90 15.86 9.03
N ASN A 119 9.52 15.73 7.76
CA ASN A 119 9.37 16.90 6.84
C ASN A 119 8.04 17.61 7.16
N LEU A 120 7.04 16.88 7.65
CA LEU A 120 5.74 17.50 8.02
C LEU A 120 5.98 18.39 9.23
N LYS A 121 6.79 17.95 10.19
CA LYS A 121 7.07 18.74 11.41
C LYS A 121 7.88 19.98 11.02
N LYS A 122 8.91 19.78 10.19
CA LYS A 122 9.76 20.86 9.62
C LYS A 122 8.87 21.93 8.96
N ALA A 123 7.75 21.52 8.36
CA ALA A 123 6.80 22.41 7.66
C ALA A 123 5.72 22.95 8.63
N GLY A 124 5.74 22.53 9.90
CA GLY A 124 4.84 23.08 10.93
C GLY A 124 3.43 22.50 10.82
N GLY A 125 3.36 21.20 10.59
CA GLY A 125 2.10 20.44 10.47
C GLY A 125 2.10 19.21 11.35
N ASN A 126 0.94 18.61 11.51
CA ASN A 126 0.75 17.28 12.14
C ASN A 126 -0.47 16.59 11.52
N VAL A 127 -0.70 15.33 11.88
CA VAL A 127 -1.98 14.64 11.54
C VAL A 127 -2.55 14.06 12.83
N GLU A 128 -3.89 13.93 12.87
CA GLU A 128 -4.62 13.32 14.01
C GLU A 128 -4.10 11.90 14.21
N GLY A 129 -3.86 11.18 13.11
CA GLY A 129 -3.64 9.73 13.13
C GLY A 129 -3.18 9.18 11.80
N PHE A 130 -2.71 7.93 11.87
CA PHE A 130 -2.19 7.14 10.73
C PHE A 130 -2.75 5.71 10.86
N VAL A 131 -3.41 5.22 9.82
CA VAL A 131 -3.97 3.85 9.77
C VAL A 131 -3.29 3.13 8.62
N THR A 132 -2.75 1.94 8.90
CA THR A 132 -1.94 1.18 7.94
C THR A 132 -1.93 -0.30 8.37
N THR A 133 -1.43 -1.13 7.47
CA THR A 133 -1.10 -2.53 7.77
C THR A 133 0.30 -2.57 8.38
N ASP A 134 0.62 -3.62 9.15
CA ASP A 134 2.02 -3.89 9.55
C ASP A 134 2.74 -4.49 8.35
N ASN A 135 3.43 -3.65 7.57
CA ASN A 135 3.91 -4.00 6.22
C ASN A 135 5.26 -4.72 6.31
N VAL A 136 5.95 -4.64 7.44
CA VAL A 136 7.10 -5.54 7.72
C VAL A 136 6.55 -6.98 7.86
N ALA A 137 5.44 -7.16 8.59
CA ALA A 137 4.85 -8.50 8.81
C ALA A 137 4.29 -9.02 7.48
N VAL A 138 3.81 -8.12 6.63
CA VAL A 138 3.29 -8.50 5.29
C VAL A 138 4.43 -9.15 4.47
N GLY A 139 5.56 -8.45 4.34
CA GLY A 139 6.77 -8.99 3.68
C GLY A 139 7.24 -10.30 4.30
N ALA A 140 7.33 -10.35 5.63
CA ALA A 140 7.72 -11.57 6.37
C ALA A 140 6.76 -12.72 6.01
N LYS A 141 5.45 -12.47 6.07
CA LYS A 141 4.40 -13.50 5.83
C LYS A 141 4.57 -14.08 4.41
N GLY A 142 4.71 -13.22 3.40
CA GLY A 142 4.88 -13.67 2.00
C GLY A 142 6.17 -14.46 1.85
N ALA A 143 7.25 -13.99 2.46
CA ALA A 143 8.57 -14.64 2.45
C ALA A 143 8.47 -15.99 3.17
N ASP A 144 7.83 -16.02 4.33
CA ASP A 144 7.72 -17.22 5.21
C ASP A 144 6.94 -18.32 4.48
N PHE A 145 5.87 -17.95 3.79
CA PHE A 145 5.12 -18.88 2.91
C PHE A 145 6.05 -19.51 1.87
N ILE A 146 6.79 -18.66 1.14
CA ILE A 146 7.74 -19.13 0.09
C ILE A 146 8.74 -20.10 0.72
N ILE A 147 9.35 -19.73 1.85
CA ILE A 147 10.43 -20.52 2.50
C ILE A 147 9.86 -21.91 2.79
N ASN A 148 8.66 -21.97 3.38
CA ASN A 148 8.00 -23.24 3.78
C ASN A 148 7.67 -24.04 2.52
N LYS A 149 7.27 -23.39 1.42
CA LYS A 149 6.88 -24.12 0.18
C LYS A 149 8.13 -24.67 -0.54
N LEU A 150 9.29 -24.03 -0.42
CA LEU A 150 10.50 -24.47 -1.16
C LEU A 150 11.24 -25.54 -0.34
N GLY A 151 10.85 -25.74 0.93
CA GLY A 151 11.37 -26.80 1.81
C GLY A 151 12.88 -26.79 1.89
N ALA A 152 13.48 -27.89 2.33
CA ALA A 152 14.89 -27.96 2.79
C ALA A 152 15.82 -27.62 1.63
N GLU A 153 15.36 -27.85 0.39
CA GLU A 153 16.08 -27.56 -0.88
C GLU A 153 16.28 -26.04 -1.06
N GLY A 154 15.29 -25.25 -0.65
CA GLY A 154 15.30 -23.78 -0.78
C GLY A 154 15.50 -23.34 -2.23
N GLY A 155 16.43 -22.41 -2.45
CA GLY A 155 16.82 -21.95 -3.79
C GLY A 155 16.72 -20.46 -3.94
N GLU A 156 16.73 -19.97 -5.18
CA GLU A 156 16.83 -18.52 -5.49
C GLU A 156 15.44 -17.88 -5.46
N VAL A 157 15.38 -16.68 -4.88
CA VAL A 157 14.15 -15.85 -4.77
C VAL A 157 14.49 -14.40 -5.15
N ALA A 158 13.46 -13.68 -5.61
CA ALA A 158 13.54 -12.29 -6.06
C ALA A 158 12.32 -11.52 -5.53
N ILE A 159 12.55 -10.25 -5.18
CA ILE A 159 11.51 -9.30 -4.70
C ILE A 159 11.30 -8.23 -5.78
N ILE A 160 10.06 -8.11 -6.23
CA ILE A 160 9.64 -7.00 -7.12
C ILE A 160 9.06 -5.89 -6.24
N GLU A 161 9.77 -4.77 -6.16
CA GLU A 161 9.54 -3.72 -5.14
C GLU A 161 8.50 -2.72 -5.63
N GLY A 162 7.87 -2.02 -4.69
CA GLY A 162 7.18 -0.74 -4.95
C GLY A 162 8.16 0.32 -5.42
N LYS A 163 7.65 1.50 -5.77
CA LYS A 163 8.47 2.68 -6.07
C LYS A 163 9.28 3.05 -4.82
N ALA A 164 10.57 3.34 -4.97
CA ALA A 164 11.47 3.81 -3.90
C ALA A 164 10.90 5.11 -3.30
N GLY A 165 11.07 5.32 -1.98
CA GLY A 165 10.54 6.49 -1.24
C GLY A 165 9.06 6.35 -0.89
N ASN A 166 8.54 5.12 -0.87
CA ASN A 166 7.22 4.80 -0.27
C ASN A 166 7.47 3.90 0.94
N ALA A 167 7.10 4.36 2.15
CA ALA A 167 7.24 3.56 3.39
C ALA A 167 6.57 2.18 3.23
N SER A 168 5.46 2.08 2.50
CA SER A 168 4.64 0.85 2.46
C SER A 168 5.46 -0.25 1.78
N GLY A 169 6.01 0.08 0.60
CA GLY A 169 6.88 -0.82 -0.20
C GLY A 169 8.14 -1.17 0.55
N GLU A 170 8.76 -0.17 1.19
CA GLU A 170 10.07 -0.31 1.91
C GLU A 170 9.90 -1.34 3.03
N ALA A 171 8.83 -1.23 3.82
CA ALA A 171 8.55 -2.14 4.95
C ALA A 171 8.41 -3.57 4.41
N ARG A 172 7.67 -3.76 3.31
CA ARG A 172 7.44 -5.12 2.76
C ARG A 172 8.78 -5.70 2.30
N ARG A 173 9.59 -4.89 1.62
CA ARG A 173 10.93 -5.33 1.13
C ARG A 173 11.78 -5.74 2.34
N ASN A 174 11.78 -4.91 3.39
CA ASN A 174 12.61 -5.15 4.59
C ASN A 174 12.14 -6.46 5.24
N GLY A 175 10.82 -6.65 5.36
CA GLY A 175 10.22 -7.82 6.02
C GLY A 175 10.56 -9.10 5.30
N ALA A 176 10.42 -9.10 3.98
CA ALA A 176 10.67 -10.28 3.13
C ALA A 176 12.19 -10.56 3.09
N THR A 177 13.00 -9.51 3.03
CA THR A 177 14.49 -9.63 2.93
C THR A 177 15.04 -10.26 4.22
N GLU A 178 14.58 -9.76 5.37
CA GLU A 178 15.01 -10.26 6.70
C GLU A 178 14.57 -11.73 6.85
N ALA A 179 13.37 -12.09 6.38
CA ALA A 179 12.87 -13.48 6.51
C ALA A 179 13.74 -14.39 5.64
N PHE A 180 14.00 -13.97 4.39
CA PHE A 180 14.87 -14.72 3.45
C PHE A 180 16.26 -14.87 4.06
N LYS A 181 16.80 -13.79 4.63
CA LYS A 181 18.22 -13.76 5.09
C LYS A 181 18.39 -14.87 6.13
N LYS A 182 17.37 -15.09 6.97
CA LYS A 182 17.45 -16.00 8.14
C LYS A 182 17.43 -17.46 7.67
N ALA A 183 16.92 -17.74 6.47
CA ALA A 183 16.90 -19.09 5.85
C ALA A 183 18.19 -19.30 5.04
N ASN A 184 19.12 -20.09 5.59
CA ASN A 184 20.45 -20.38 4.98
C ASN A 184 20.25 -20.91 3.55
N GLN A 185 19.16 -21.65 3.31
CA GLN A 185 18.93 -22.42 2.06
C GLN A 185 18.30 -21.51 1.01
N ILE A 186 18.03 -20.26 1.34
CA ILE A 186 17.46 -19.25 0.40
C ILE A 186 18.54 -18.24 0.03
N LYS A 187 18.61 -17.90 -1.26
CA LYS A 187 19.43 -16.78 -1.80
C LYS A 187 18.51 -15.78 -2.50
N LEU A 188 18.45 -14.55 -1.97
CA LEU A 188 17.81 -13.38 -2.61
C LEU A 188 18.76 -12.86 -3.71
N VAL A 189 18.51 -13.21 -4.97
CA VAL A 189 19.45 -12.90 -6.10
C VAL A 189 19.11 -11.53 -6.70
N ALA A 190 17.88 -11.04 -6.50
CA ALA A 190 17.42 -9.77 -7.08
C ALA A 190 16.31 -9.15 -6.23
N SER A 191 16.32 -7.83 -6.13
CA SER A 191 15.37 -7.03 -5.33
C SER A 191 15.29 -5.64 -5.95
N GLN A 192 14.33 -5.45 -6.85
CA GLN A 192 14.32 -4.24 -7.70
C GLN A 192 12.90 -3.80 -8.00
N PRO A 193 12.69 -2.48 -8.21
CA PRO A 193 11.36 -1.89 -8.30
C PRO A 193 10.70 -2.14 -9.65
N ALA A 194 9.37 -2.22 -9.62
CA ALA A 194 8.49 -2.14 -10.81
C ALA A 194 7.39 -1.11 -10.53
N ASP A 195 7.58 -0.26 -9.51
CA ASP A 195 6.94 1.08 -9.40
C ASP A 195 5.41 0.93 -9.37
N TRP A 196 4.93 -0.16 -8.77
CA TRP A 196 3.48 -0.44 -8.59
C TRP A 196 2.81 -0.60 -9.96
N ASP A 197 3.58 -0.89 -11.00
CA ASP A 197 3.09 -0.84 -12.41
C ASP A 197 3.05 -2.27 -12.97
N ARG A 198 1.90 -2.67 -13.54
CA ARG A 198 1.68 -4.02 -14.10
C ARG A 198 2.70 -4.26 -15.23
N ILE A 199 2.84 -3.29 -16.15
CA ILE A 199 3.66 -3.48 -17.38
C ILE A 199 5.14 -3.44 -17.00
N LYS A 200 5.53 -2.56 -16.08
CA LYS A 200 6.93 -2.54 -15.57
C LYS A 200 7.24 -3.87 -14.87
N ALA A 201 6.30 -4.42 -14.09
CA ALA A 201 6.53 -5.68 -13.36
C ALA A 201 6.73 -6.81 -14.38
N LEU A 202 5.92 -6.84 -15.45
CA LEU A 202 6.06 -7.85 -16.52
C LEU A 202 7.50 -7.79 -17.07
N ASP A 203 7.97 -6.60 -17.42
CA ASP A 203 9.28 -6.39 -18.07
C ASP A 203 10.40 -6.68 -17.06
N VAL A 204 10.28 -6.20 -15.83
CA VAL A 204 11.33 -6.43 -14.80
C VAL A 204 11.43 -7.93 -14.53
N ALA A 205 10.30 -8.61 -14.32
CA ALA A 205 10.27 -10.05 -13.98
C ALA A 205 10.77 -10.89 -15.16
N THR A 206 10.44 -10.48 -16.39
CA THR A 206 11.00 -11.13 -17.61
C THR A 206 12.54 -11.14 -17.50
N ASN A 207 13.15 -9.97 -17.28
CA ASN A 207 14.63 -9.78 -17.13
C ASN A 207 15.18 -10.64 -16.00
N VAL A 208 14.47 -10.72 -14.87
CA VAL A 208 14.97 -11.42 -13.65
C VAL A 208 15.03 -12.92 -13.97
N LEU A 209 14.02 -13.44 -14.67
CA LEU A 209 13.96 -14.88 -15.08
C LEU A 209 15.11 -15.17 -16.04
N GLN A 210 15.34 -14.27 -17.00
CA GLN A 210 16.44 -14.39 -17.98
C GLN A 210 17.76 -14.50 -17.20
N ARG A 211 17.98 -13.62 -16.23
CA ARG A 211 19.28 -13.46 -15.52
C ARG A 211 19.48 -14.64 -14.57
N ASN A 212 18.38 -15.33 -14.22
CA ASN A 212 18.34 -16.32 -13.11
C ASN A 212 17.50 -17.51 -13.53
N PRO A 213 18.07 -18.45 -14.33
CA PRO A 213 17.30 -19.58 -14.85
C PRO A 213 16.82 -20.53 -13.74
N ASN A 214 17.45 -20.49 -12.57
CA ASN A 214 17.17 -21.40 -11.42
C ASN A 214 16.30 -20.70 -10.38
N LEU A 215 15.69 -19.58 -10.76
CA LEU A 215 14.76 -18.85 -9.85
C LEU A 215 13.66 -19.80 -9.42
N LYS A 216 13.30 -19.78 -8.13
CA LYS A 216 12.22 -20.61 -7.54
C LYS A 216 10.99 -19.74 -7.21
N ALA A 217 11.12 -18.43 -6.93
CA ALA A 217 9.99 -17.63 -6.40
C ALA A 217 10.22 -16.12 -6.52
N PHE A 218 9.12 -15.40 -6.79
CA PHE A 218 8.96 -13.93 -6.62
C PHE A 218 8.05 -13.66 -5.41
N TYR A 219 8.48 -12.75 -4.53
CA TYR A 219 7.55 -11.96 -3.68
C TYR A 219 7.43 -10.56 -4.30
N CYS A 220 6.20 -10.11 -4.47
CA CYS A 220 5.84 -8.83 -5.11
C CYS A 220 5.10 -7.94 -4.09
N ALA A 221 5.44 -6.66 -4.02
CA ALA A 221 5.01 -5.72 -2.97
C ALA A 221 3.54 -5.31 -3.21
N ASN A 222 2.96 -5.59 -4.38
CA ASN A 222 1.49 -5.45 -4.53
C ASN A 222 1.00 -6.25 -5.73
N ASP A 223 -0.32 -6.50 -5.76
CA ASP A 223 -0.95 -7.40 -6.75
C ASP A 223 -0.86 -6.80 -8.16
N THR A 224 -0.98 -5.48 -8.33
CA THR A 224 -0.85 -4.84 -9.68
C THR A 224 0.45 -5.36 -10.32
N MET A 225 1.51 -5.44 -9.51
CA MET A 225 2.86 -5.90 -9.96
C MET A 225 2.88 -7.44 -10.04
N ALA A 226 2.25 -8.13 -9.08
CA ALA A 226 2.24 -9.61 -9.01
C ALA A 226 1.60 -10.17 -10.29
N MET A 227 0.60 -9.49 -10.83
CA MET A 227 -0.12 -9.98 -12.04
C MET A 227 0.77 -9.89 -13.28
N GLY A 228 1.54 -8.80 -13.40
CA GLY A 228 2.61 -8.66 -14.41
C GLY A 228 3.66 -9.76 -14.28
N VAL A 229 4.14 -9.99 -13.05
CA VAL A 229 5.17 -11.01 -12.77
C VAL A 229 4.63 -12.37 -13.23
N ALA A 230 3.40 -12.70 -12.86
CA ALA A 230 2.74 -13.99 -13.19
C ALA A 230 2.64 -14.14 -14.72
N GLN A 231 2.43 -13.04 -15.45
CA GLN A 231 2.42 -13.05 -16.95
C GLN A 231 3.83 -13.40 -17.46
N ALA A 232 4.87 -12.86 -16.80
CA ALA A 232 6.28 -13.08 -17.19
C ALA A 232 6.61 -14.56 -17.00
N VAL A 233 6.15 -15.13 -15.88
CA VAL A 233 6.38 -16.57 -15.51
C VAL A 233 5.68 -17.46 -16.55
N ALA A 234 4.46 -17.10 -16.97
CA ALA A 234 3.67 -17.84 -17.98
C ALA A 234 4.43 -17.85 -19.30
N ASN A 235 4.89 -16.68 -19.76
CA ASN A 235 5.61 -16.48 -21.04
C ASN A 235 6.89 -17.33 -21.07
N ALA A 236 7.58 -17.50 -19.94
CA ALA A 236 8.79 -18.35 -19.83
C ALA A 236 8.40 -19.84 -19.69
N GLY A 237 7.11 -20.17 -19.72
CA GLY A 237 6.61 -21.56 -19.60
C GLY A 237 6.95 -22.16 -18.24
N LYS A 238 6.84 -21.36 -17.18
CA LYS A 238 7.34 -21.70 -15.81
C LYS A 238 6.20 -21.55 -14.81
N ILE A 239 4.95 -21.51 -15.28
CA ILE A 239 3.74 -21.58 -14.42
C ILE A 239 3.88 -22.82 -13.49
N GLY A 240 3.97 -22.58 -12.17
CA GLY A 240 4.02 -23.65 -11.15
C GLY A 240 5.44 -23.95 -10.69
N LYS A 241 6.42 -23.78 -11.57
CA LYS A 241 7.87 -24.02 -11.30
C LYS A 241 8.48 -22.80 -10.60
N VAL A 242 7.99 -21.59 -10.89
CA VAL A 242 8.34 -20.33 -10.16
C VAL A 242 7.11 -19.82 -9.41
N LEU A 243 7.20 -19.79 -8.08
CA LEU A 243 6.10 -19.27 -7.21
C LEU A 243 5.95 -17.77 -7.49
N VAL A 244 4.73 -17.26 -7.42
CA VAL A 244 4.45 -15.80 -7.47
C VAL A 244 3.54 -15.46 -6.30
N VAL A 245 4.08 -14.72 -5.34
CA VAL A 245 3.30 -14.20 -4.18
C VAL A 245 3.09 -12.70 -4.35
N GLY A 246 1.85 -12.26 -4.19
CA GLY A 246 1.48 -10.85 -4.30
C GLY A 246 1.18 -10.26 -2.93
N THR A 247 0.55 -9.10 -2.94
CA THR A 247 0.10 -8.36 -1.74
C THR A 247 -1.09 -7.48 -2.12
N ASP A 248 -2.20 -7.67 -1.41
CA ASP A 248 -3.41 -6.79 -1.34
C ASP A 248 -4.65 -7.68 -1.28
N GLY A 249 -4.71 -8.74 -2.10
CA GLY A 249 -5.89 -9.60 -2.26
C GLY A 249 -6.92 -9.01 -3.19
N ILE A 250 -6.53 -8.28 -4.24
CA ILE A 250 -7.51 -7.71 -5.23
C ILE A 250 -8.17 -8.87 -5.97
N PRO A 251 -9.37 -8.67 -6.56
CA PRO A 251 -10.14 -9.76 -7.14
C PRO A 251 -9.36 -10.53 -8.22
N GLU A 252 -8.66 -9.82 -9.10
CA GLU A 252 -7.98 -10.49 -10.24
C GLU A 252 -6.86 -11.39 -9.69
N ALA A 253 -6.16 -10.94 -8.64
CA ALA A 253 -5.08 -11.72 -7.99
C ALA A 253 -5.68 -12.95 -7.31
N ARG A 254 -6.84 -12.79 -6.64
CA ARG A 254 -7.56 -13.93 -6.02
C ARG A 254 -7.96 -14.95 -7.08
N LYS A 255 -8.49 -14.47 -8.21
CA LYS A 255 -8.85 -15.37 -9.36
C LYS A 255 -7.61 -16.15 -9.81
N MET A 256 -6.50 -15.44 -10.04
CA MET A 256 -5.22 -16.05 -10.49
C MET A 256 -4.76 -17.11 -9.47
N VAL A 257 -4.90 -16.85 -8.18
CA VAL A 257 -4.51 -17.80 -7.10
C VAL A 257 -5.37 -19.06 -7.20
N GLU A 258 -6.68 -18.92 -7.43
CA GLU A 258 -7.61 -20.08 -7.53
C GLU A 258 -7.34 -20.85 -8.83
N ALA A 259 -6.99 -20.14 -9.90
CA ALA A 259 -6.74 -20.71 -11.25
C ALA A 259 -5.32 -21.32 -11.34
N GLY A 260 -4.42 -20.97 -10.42
CA GLY A 260 -3.05 -21.52 -10.37
C GLY A 260 -2.01 -20.64 -11.08
N GLN A 261 -2.38 -19.42 -11.48
CA GLN A 261 -1.49 -18.46 -12.18
C GLN A 261 -0.64 -17.68 -11.17
N MET A 262 -1.17 -17.47 -9.99
CA MET A 262 -0.36 -16.96 -8.85
C MET A 262 -0.41 -18.00 -7.73
N THR A 263 0.65 -18.07 -6.92
CA THR A 263 0.77 -19.07 -5.83
C THR A 263 -0.10 -18.60 -4.65
N ALA A 264 -0.04 -17.32 -4.31
CA ALA A 264 -0.62 -16.74 -3.08
C ALA A 264 -0.67 -15.23 -3.21
N THR A 265 -1.37 -14.58 -2.26
CA THR A 265 -1.25 -13.13 -2.03
C THR A 265 -1.46 -12.86 -0.54
N VAL A 266 -0.69 -11.93 -0.02
CA VAL A 266 -0.89 -11.43 1.36
C VAL A 266 -1.98 -10.38 1.31
N ALA A 267 -3.19 -10.79 1.68
CA ALA A 267 -4.41 -9.97 1.57
C ALA A 267 -4.37 -8.86 2.61
N GLN A 268 -4.70 -7.64 2.19
CA GLN A 268 -4.93 -6.51 3.10
C GLN A 268 -6.43 -6.24 3.14
N ASN A 269 -6.81 -5.31 4.00
CA ASN A 269 -8.23 -4.91 4.16
C ASN A 269 -8.33 -3.41 3.95
N PRO A 270 -8.25 -2.94 2.68
CA PRO A 270 -8.43 -1.52 2.39
C PRO A 270 -9.75 -0.96 2.93
N ALA A 271 -10.84 -1.72 2.85
CA ALA A 271 -12.16 -1.26 3.35
C ALA A 271 -12.03 -0.92 4.83
N ASP A 272 -11.42 -1.79 5.62
CA ASP A 272 -11.22 -1.57 7.08
C ASP A 272 -10.24 -0.40 7.30
N ILE A 273 -9.13 -0.34 6.55
CA ILE A 273 -8.20 0.81 6.69
C ILE A 273 -8.99 2.11 6.45
N GLY A 274 -9.85 2.15 5.43
CA GLY A 274 -10.66 3.35 5.14
C GLY A 274 -11.68 3.64 6.24
N ALA A 275 -12.43 2.63 6.66
CA ALA A 275 -13.45 2.76 7.74
C ALA A 275 -12.76 3.24 9.02
N THR A 276 -11.61 2.64 9.33
CA THR A 276 -10.86 2.99 10.55
C THR A 276 -10.42 4.47 10.44
N GLY A 277 -9.82 4.83 9.31
CA GLY A 277 -9.33 6.20 9.07
C GLY A 277 -10.44 7.21 9.25
N LEU A 278 -11.58 6.99 8.62
CA LEU A 278 -12.73 7.92 8.70
C LEU A 278 -13.14 8.08 10.17
N LYS A 279 -13.24 6.98 10.92
CA LYS A 279 -13.70 7.03 12.34
C LYS A 279 -12.67 7.80 13.16
N LEU A 280 -11.38 7.61 12.89
CA LEU A 280 -10.29 8.37 13.58
C LEU A 280 -10.48 9.87 13.33
N MET A 281 -10.81 10.25 12.09
CA MET A 281 -11.00 11.67 11.68
C MET A 281 -12.26 12.24 12.37
N VAL A 282 -13.36 11.51 12.34
CA VAL A 282 -14.66 11.99 12.92
C VAL A 282 -14.49 12.07 14.45
N ASP A 283 -13.89 11.04 15.03
CA ASP A 283 -13.64 11.00 16.50
C ASP A 283 -12.84 12.24 16.92
N ALA A 284 -11.81 12.61 16.16
CA ALA A 284 -10.92 13.76 16.47
C ALA A 284 -11.72 15.07 16.34
N ALA A 285 -12.52 15.18 15.27
CA ALA A 285 -13.31 16.37 14.93
C ALA A 285 -14.27 16.68 16.09
N LYS A 286 -14.75 15.62 16.76
CA LYS A 286 -15.77 15.72 17.83
C LYS A 286 -15.16 16.40 19.06
N THR A 287 -13.84 16.42 19.17
CA THR A 287 -13.12 17.06 20.31
C THR A 287 -13.11 18.59 20.12
N GLY A 288 -13.13 19.07 18.87
CA GLY A 288 -13.24 20.51 18.55
C GLY A 288 -11.89 21.21 18.55
N LYS A 289 -10.81 20.46 18.71
CA LYS A 289 -9.41 20.97 18.71
C LYS A 289 -8.56 20.00 17.91
N VAL A 290 -7.83 20.49 16.88
CA VAL A 290 -6.84 19.65 16.13
C VAL A 290 -5.70 19.24 17.09
N ILE A 291 -5.00 18.17 16.73
CA ILE A 291 -3.83 17.64 17.47
C ILE A 291 -2.78 18.75 17.60
N PRO A 292 -2.22 18.95 18.81
CA PRO A 292 -1.09 19.85 18.98
C PRO A 292 0.09 19.40 18.10
N LEU A 293 0.86 20.36 17.62
CA LEU A 293 2.03 20.11 16.74
C LEU A 293 2.92 19.04 17.40
N GLU A 294 3.00 19.04 18.73
CA GLU A 294 4.03 18.33 19.52
C GLU A 294 3.61 16.87 19.76
N LYS A 295 2.32 16.58 19.58
CA LYS A 295 1.70 15.32 20.09
C LYS A 295 1.90 14.22 19.04
N THR A 296 2.24 13.01 19.50
CA THR A 296 2.27 11.81 18.63
C THR A 296 0.87 11.51 18.12
N PRO A 297 0.70 11.34 16.79
CA PRO A 297 -0.59 10.95 16.23
C PRO A 297 -1.04 9.56 16.71
N GLU A 298 -2.36 9.35 16.73
CA GLU A 298 -2.96 8.01 16.89
C GLU A 298 -2.39 7.09 15.80
N PHE A 299 -2.22 5.82 16.11
CA PHE A 299 -1.67 4.79 15.20
C PHE A 299 -2.53 3.53 15.31
N LYS A 300 -3.14 3.12 14.20
CA LYS A 300 -4.03 1.94 14.15
C LYS A 300 -3.55 1.01 13.04
N LEU A 301 -3.36 -0.26 13.38
CA LEU A 301 -2.95 -1.32 12.44
C LEU A 301 -4.18 -2.13 12.02
N VAL A 302 -4.19 -2.52 10.76
CA VAL A 302 -5.21 -3.45 10.20
C VAL A 302 -4.50 -4.73 9.79
N ASP A 303 -5.04 -5.86 10.21
CA ASP A 303 -4.40 -7.19 10.04
C ASP A 303 -4.22 -7.49 8.55
N SER A 304 -3.32 -8.42 8.24
CA SER A 304 -3.19 -9.08 6.93
C SER A 304 -3.33 -10.59 7.12
N ILE A 305 -3.70 -11.31 6.05
CA ILE A 305 -3.72 -12.79 6.06
C ILE A 305 -3.15 -13.29 4.73
N LEU A 306 -2.53 -14.46 4.79
CA LEU A 306 -2.14 -15.16 3.55
C LEU A 306 -3.37 -15.81 2.91
N VAL A 307 -3.47 -15.71 1.60
CA VAL A 307 -4.47 -16.43 0.78
C VAL A 307 -3.73 -17.28 -0.25
N THR A 308 -3.95 -18.60 -0.22
CA THR A 308 -3.39 -19.55 -1.20
C THR A 308 -4.56 -20.27 -1.88
N LYS A 309 -4.27 -21.18 -2.80
CA LYS A 309 -5.33 -21.93 -3.52
C LYS A 309 -5.93 -22.93 -2.53
#